data_6ZAB
#
_entry.id   6ZAB
#
_cell.length_a   179.180
_cell.length_b   179.180
_cell.length_c   96.740
_cell.angle_alpha   90.000
_cell.angle_beta   90.000
_cell.angle_gamma   120.000
#
_symmetry.space_group_name_H-M   'P 64 2 2'
#
loop_
_entity.id
_entity.type
_entity.pdbx_description
1 polymer 'Transcriptional regulator, GntR family'
2 polymer "DNA (5'-D(*AP*TP*GP*TP*AP*TP*AP*CP*AP*T)-3')"
3 non-polymer 'ZINC ION'
4 non-polymer 'CITRIC ACID'
5 non-polymer DI(HYDROXYETHYL)ETHER
6 non-polymer 1,2-ETHANEDIOL
7 water water
#
loop_
_entity_poly.entity_id
_entity_poly.type
_entity_poly.pdbx_seq_one_letter_code
_entity_poly.pdbx_strand_id
1 'polypeptide(L)'
;MRQVDAATHGGRAVIELREKILSGELPGGMRLFEVSTAELLDISRTPVREALSRLTEEGLLNRLPGGGFVVRRFGFADVV
DAIEVRGVMEGTAARLAAERGVSKVALEEIDATVQQLDLCFGDRVDDVDFDGYAALNRIFHHQLAALCGSEMIRREVERA
SSLPFASPSAFLPDKANIGAFRRSLRGAQEQHKAIVAAIVAREGARAEAVAREHSRTARTNLEYMIREAPELIAQVPGLA
LISDHHHHHH
;
A
2 'polydeoxyribonucleotide' (DA)(DT)(DG)(DT)(DA)(DT)(DA)(DC)(DA)(DT) B
#
# COMPACT_ATOMS: atom_id res chain seq x y z
N ALA A 6 -3.44 -18.59 7.07
CA ALA A 6 -3.10 -19.63 8.03
C ALA A 6 -3.52 -21.06 7.57
N ALA A 7 -3.00 -22.12 8.25
CA ALA A 7 -3.29 -23.55 7.99
C ALA A 7 -4.69 -23.97 8.50
N THR A 8 -5.50 -22.99 8.96
CA THR A 8 -6.86 -23.13 9.49
C THR A 8 -7.92 -22.64 8.50
N HIS A 9 -9.16 -23.18 8.61
CA HIS A 9 -10.34 -22.81 7.82
C HIS A 9 -10.59 -21.32 7.89
N GLY A 10 -10.43 -20.73 9.07
CA GLY A 10 -10.58 -19.30 9.29
C GLY A 10 -9.51 -18.54 8.54
N GLY A 11 -8.26 -19.04 8.59
CA GLY A 11 -7.11 -18.47 7.90
C GLY A 11 -7.35 -18.46 6.40
N ARG A 12 -7.73 -19.65 5.85
CA ARG A 12 -8.07 -19.88 4.43
C ARG A 12 -9.24 -19.03 4.00
N ALA A 13 -10.33 -19.01 4.83
CA ALA A 13 -11.55 -18.22 4.66
C ALA A 13 -11.19 -16.77 4.41
N VAL A 14 -10.30 -16.18 5.24
CA VAL A 14 -9.82 -14.80 5.11
C VAL A 14 -9.20 -14.60 3.74
N ILE A 15 -8.29 -15.53 3.34
CA ILE A 15 -7.56 -15.46 2.08
C ILE A 15 -8.51 -15.52 0.90
N GLU A 16 -9.50 -16.44 0.97
CA GLU A 16 -10.51 -16.63 -0.08
C GLU A 16 -11.42 -15.42 -0.14
N LEU A 17 -12.00 -15.05 1.00
CA LEU A 17 -12.90 -13.91 1.05
C LEU A 17 -12.23 -12.65 0.56
N ARG A 18 -10.97 -12.43 0.97
CA ARG A 18 -10.22 -11.25 0.53
C ARG A 18 -10.10 -11.26 -0.98
N GLU A 19 -9.73 -12.42 -1.55
CA GLU A 19 -9.55 -12.59 -3.00
C GLU A 19 -10.84 -12.20 -3.74
N LYS A 20 -12.00 -12.73 -3.26
CA LYS A 20 -13.34 -12.51 -3.81
C LYS A 20 -13.79 -11.05 -3.74
N ILE A 21 -13.47 -10.38 -2.61
CA ILE A 21 -13.77 -8.96 -2.37
C ILE A 21 -12.99 -8.11 -3.38
N LEU A 22 -11.64 -8.31 -3.44
CA LEU A 22 -10.73 -7.57 -4.31
C LEU A 22 -10.99 -7.80 -5.80
N SER A 23 -11.40 -9.03 -6.17
CA SER A 23 -11.72 -9.38 -7.56
C SER A 23 -13.04 -8.76 -8.02
N GLY A 24 -13.86 -8.36 -7.05
CA GLY A 24 -15.17 -7.80 -7.31
C GLY A 24 -16.27 -8.83 -7.18
N GLU A 25 -15.89 -10.14 -7.18
CA GLU A 25 -16.78 -11.30 -7.05
C GLU A 25 -17.81 -11.05 -5.94
N LEU A 26 -17.34 -10.61 -4.76
CA LEU A 26 -18.19 -10.17 -3.66
C LEU A 26 -18.17 -8.63 -3.73
N PRO A 27 -19.16 -8.01 -4.41
CA PRO A 27 -19.12 -6.54 -4.61
C PRO A 27 -19.29 -5.70 -3.35
N GLY A 28 -18.89 -4.44 -3.46
CA GLY A 28 -19.04 -3.50 -2.36
C GLY A 28 -20.52 -3.27 -2.13
N GLY A 29 -20.88 -3.18 -0.86
CA GLY A 29 -22.27 -2.99 -0.46
C GLY A 29 -23.06 -4.29 -0.32
N MET A 30 -22.40 -5.43 -0.54
CA MET A 30 -23.06 -6.72 -0.40
C MET A 30 -22.99 -7.15 1.05
N ARG A 31 -24.15 -7.45 1.66
CA ARG A 31 -24.17 -7.94 3.02
C ARG A 31 -23.75 -9.40 2.97
N LEU A 32 -22.79 -9.78 3.80
CA LEU A 32 -22.30 -11.16 3.89
C LEU A 32 -22.95 -11.87 5.11
N PHE A 33 -23.77 -12.88 4.82
CA PHE A 33 -24.44 -13.60 5.91
C PHE A 33 -23.60 -14.82 6.31
N GLU A 34 -23.59 -15.16 7.62
CA GLU A 34 -22.80 -16.29 8.09
C GLU A 34 -23.15 -17.60 7.38
N VAL A 35 -24.44 -17.94 7.38
CA VAL A 35 -25.00 -19.16 6.79
C VAL A 35 -24.62 -19.36 5.34
N SER A 36 -24.77 -18.30 4.53
CA SER A 36 -24.48 -18.32 3.12
C SER A 36 -22.99 -18.28 2.80
N THR A 37 -22.18 -17.60 3.63
CA THR A 37 -20.74 -17.58 3.42
C THR A 37 -20.16 -18.95 3.81
N ALA A 38 -20.66 -19.54 4.91
CA ALA A 38 -20.28 -20.87 5.37
C ALA A 38 -20.53 -21.89 4.26
N GLU A 39 -21.64 -21.72 3.50
CA GLU A 39 -22.02 -22.59 2.38
C GLU A 39 -21.03 -22.43 1.22
N LEU A 40 -20.69 -21.18 0.90
CA LEU A 40 -19.78 -20.82 -0.16
C LEU A 40 -18.38 -21.38 0.11
N LEU A 41 -17.96 -21.43 1.37
CA LEU A 41 -16.62 -21.87 1.70
C LEU A 41 -16.54 -23.32 2.19
N ASP A 42 -17.67 -24.03 2.25
CA ASP A 42 -17.80 -25.40 2.76
C ASP A 42 -17.25 -25.55 4.19
N ILE A 43 -17.35 -24.46 4.99
CA ILE A 43 -16.92 -24.43 6.40
C ILE A 43 -18.16 -24.08 7.24
N SER A 44 -18.06 -24.11 8.59
CA SER A 44 -19.25 -23.78 9.38
C SER A 44 -19.25 -22.29 9.65
N ARG A 45 -20.29 -21.81 10.35
CA ARG A 45 -20.37 -20.39 10.67
C ARG A 45 -19.20 -19.89 11.50
N THR A 46 -18.63 -20.74 12.39
CA THR A 46 -17.57 -20.39 13.33
C THR A 46 -16.31 -19.80 12.64
N PRO A 47 -15.57 -20.52 11.75
CA PRO A 47 -14.43 -19.88 11.08
C PRO A 47 -14.84 -18.70 10.20
N VAL A 48 -16.12 -18.64 9.74
CA VAL A 48 -16.63 -17.52 8.95
C VAL A 48 -16.63 -16.27 9.82
N ARG A 49 -17.28 -16.32 11.03
CA ARG A 49 -17.34 -15.21 11.99
CA ARG A 49 -17.35 -15.21 11.98
C ARG A 49 -15.95 -14.64 12.23
N GLU A 50 -14.94 -15.53 12.31
CA GLU A 50 -13.55 -15.18 12.56
C GLU A 50 -12.98 -14.44 11.38
N ALA A 51 -13.24 -14.95 10.18
CA ALA A 51 -12.78 -14.34 8.94
C ALA A 51 -13.38 -12.95 8.76
N LEU A 52 -14.71 -12.83 8.95
CA LEU A 52 -15.44 -11.57 8.86
C LEU A 52 -14.90 -10.55 9.85
N SER A 53 -14.55 -10.98 11.07
CA SER A 53 -13.96 -10.14 12.12
C SER A 53 -12.54 -9.67 11.78
N ARG A 54 -11.74 -10.51 11.12
CA ARG A 54 -10.38 -10.19 10.70
C ARG A 54 -10.39 -9.28 9.47
N LEU A 55 -11.34 -9.51 8.53
CA LEU A 55 -11.46 -8.69 7.33
C LEU A 55 -12.03 -7.32 7.68
N THR A 56 -12.72 -7.23 8.85
CA THR A 56 -13.26 -6.00 9.36
C THR A 56 -12.10 -5.15 9.87
N GLU A 57 -11.18 -5.73 10.68
CA GLU A 57 -10.03 -4.97 11.18
C GLU A 57 -9.05 -4.64 10.05
N GLU A 58 -9.13 -5.42 8.95
CA GLU A 58 -8.33 -5.21 7.74
C GLU A 58 -8.90 -4.05 6.90
N GLY A 59 -10.17 -3.72 7.13
CA GLY A 59 -10.87 -2.61 6.49
C GLY A 59 -11.56 -2.92 5.19
N LEU A 60 -11.73 -4.21 4.89
CA LEU A 60 -12.43 -4.63 3.67
C LEU A 60 -13.93 -4.83 3.93
N LEU A 61 -14.32 -4.93 5.22
CA LEU A 61 -15.71 -5.05 5.65
C LEU A 61 -16.02 -4.07 6.75
N ASN A 62 -17.30 -3.69 6.80
CA ASN A 62 -17.87 -2.81 7.80
C ASN A 62 -18.88 -3.59 8.61
N ARG A 63 -18.89 -3.43 9.94
CA ARG A 63 -19.91 -4.03 10.79
C ARG A 63 -21.21 -3.21 10.62
N LEU A 64 -22.38 -3.87 10.48
CA LEU A 64 -23.66 -3.19 10.33
C LEU A 64 -24.30 -2.86 11.69
N PRO A 65 -25.18 -1.83 11.79
CA PRO A 65 -25.73 -1.46 13.11
C PRO A 65 -26.48 -2.56 13.84
N GLY A 66 -27.34 -3.29 13.12
CA GLY A 66 -28.11 -4.37 13.72
C GLY A 66 -27.29 -5.60 14.09
N GLY A 67 -26.14 -5.70 13.46
CA GLY A 67 -25.21 -6.82 13.51
C GLY A 67 -25.01 -7.19 12.06
N GLY A 68 -24.02 -8.04 11.80
CA GLY A 68 -23.75 -8.43 10.42
C GLY A 68 -22.65 -7.62 9.76
N PHE A 69 -22.25 -8.07 8.58
CA PHE A 69 -21.15 -7.46 7.86
C PHE A 69 -21.51 -7.14 6.44
N VAL A 70 -20.99 -6.02 5.94
CA VAL A 70 -21.18 -5.58 4.57
C VAL A 70 -19.79 -5.30 3.96
N VAL A 71 -19.63 -5.64 2.67
CA VAL A 71 -18.38 -5.40 1.93
C VAL A 71 -18.26 -3.89 1.74
N ARG A 72 -17.08 -3.34 2.00
CA ARG A 72 -16.88 -1.92 1.90
C ARG A 72 -16.88 -1.42 0.44
N ARG A 73 -17.53 -0.27 0.20
CA ARG A 73 -17.58 0.37 -1.12
C ARG A 73 -16.34 1.27 -1.25
N PHE A 74 -15.65 1.16 -2.39
CA PHE A 74 -14.49 2.01 -2.68
C PHE A 74 -14.59 2.63 -4.06
N GLY A 75 -14.62 3.95 -4.11
CA GLY A 75 -14.63 4.68 -5.37
C GLY A 75 -13.25 5.23 -5.67
N PHE A 76 -13.04 5.86 -6.85
CA PHE A 76 -11.75 6.47 -7.20
C PHE A 76 -11.44 7.60 -6.18
N ALA A 77 -12.50 8.19 -5.58
CA ALA A 77 -12.43 9.21 -4.54
C ALA A 77 -11.66 8.63 -3.35
N ASP A 78 -12.05 7.41 -2.94
CA ASP A 78 -11.46 6.66 -1.85
C ASP A 78 -10.02 6.25 -2.16
N VAL A 79 -9.66 6.05 -3.44
CA VAL A 79 -8.28 5.74 -3.84
C VAL A 79 -7.43 7.01 -3.65
N VAL A 80 -7.95 8.16 -4.12
CA VAL A 80 -7.33 9.48 -4.01
C VAL A 80 -7.01 9.82 -2.55
N ASP A 81 -8.03 9.78 -1.68
CA ASP A 81 -7.91 10.09 -0.27
C ASP A 81 -6.97 9.15 0.46
N ALA A 82 -7.08 7.83 0.20
CA ALA A 82 -6.26 6.81 0.85
C ALA A 82 -4.78 7.00 0.54
N ILE A 83 -4.46 7.43 -0.70
CA ILE A 83 -3.07 7.70 -1.09
C ILE A 83 -2.57 8.92 -0.32
N GLU A 84 -3.42 9.98 -0.23
CA GLU A 84 -3.16 11.22 0.50
C GLU A 84 -2.83 10.89 1.96
N VAL A 85 -3.64 10.03 2.61
CA VAL A 85 -3.41 9.66 3.99
C VAL A 85 -2.08 8.94 4.11
N ARG A 86 -1.74 8.02 3.19
CA ARG A 86 -0.43 7.38 3.23
C ARG A 86 0.68 8.44 3.19
N GLY A 87 0.57 9.36 2.26
CA GLY A 87 1.52 10.45 2.12
C GLY A 87 1.70 11.21 3.42
N VAL A 88 0.57 11.61 4.04
CA VAL A 88 0.59 12.34 5.30
C VAL A 88 1.35 11.52 6.36
N MET A 89 1.01 10.23 6.47
CA MET A 89 1.62 9.31 7.41
C MET A 89 3.12 9.08 7.15
N GLU A 90 3.51 8.81 5.90
CA GLU A 90 4.90 8.61 5.52
C GLU A 90 5.72 9.88 5.79
N GLY A 91 5.08 11.03 5.58
CA GLY A 91 5.64 12.34 5.86
C GLY A 91 5.89 12.51 7.34
N THR A 92 4.93 12.07 8.17
CA THR A 92 5.04 12.11 9.61
C THR A 92 6.16 11.19 10.06
N ALA A 93 6.29 10.02 9.44
CA ALA A 93 7.35 9.06 9.75
C ALA A 93 8.71 9.64 9.44
N ALA A 94 8.82 10.39 8.32
CA ALA A 94 10.06 11.02 7.91
C ALA A 94 10.40 12.21 8.80
N ARG A 95 9.42 13.11 9.04
CA ARG A 95 9.57 14.32 9.87
C ARG A 95 10.01 13.97 11.25
N LEU A 96 9.40 12.93 11.85
CA LEU A 96 9.77 12.52 13.20
C LEU A 96 11.18 11.95 13.25
N ALA A 97 11.60 11.23 12.20
CA ALA A 97 12.97 10.70 12.09
C ALA A 97 13.97 11.85 12.05
N ALA A 98 13.59 12.96 11.41
CA ALA A 98 14.42 14.15 11.32
C ALA A 98 14.43 14.86 12.68
N GLU A 99 13.26 15.17 13.25
CA GLU A 99 13.10 15.87 14.53
C GLU A 99 13.79 15.15 15.70
N ARG A 100 13.66 13.80 15.75
CA ARG A 100 14.14 12.95 16.85
C ARG A 100 15.49 12.29 16.71
N GLY A 101 15.88 12.02 15.47
CA GLY A 101 17.13 11.32 15.22
C GLY A 101 16.88 9.85 14.97
N VAL A 102 17.82 9.23 14.25
CA VAL A 102 17.80 7.83 13.83
C VAL A 102 19.13 7.19 14.28
N SER A 103 19.09 5.97 14.84
CA SER A 103 20.28 5.22 15.25
C SER A 103 21.13 4.90 14.02
N LYS A 104 22.47 4.79 14.20
CA LYS A 104 23.42 4.50 13.12
C LYS A 104 23.02 3.26 12.35
N VAL A 105 22.63 2.21 13.08
CA VAL A 105 22.17 0.91 12.58
C VAL A 105 21.02 1.09 11.56
N ALA A 106 19.94 1.79 12.01
CA ALA A 106 18.74 2.07 11.23
C ALA A 106 19.07 2.89 10.00
N LEU A 107 19.92 3.90 10.16
CA LEU A 107 20.34 4.75 9.05
C LEU A 107 21.16 3.95 8.04
N GLU A 108 22.03 3.03 8.51
CA GLU A 108 22.86 2.15 7.66
C GLU A 108 21.94 1.31 6.78
N GLU A 109 20.90 0.70 7.41
CA GLU A 109 19.89 -0.15 6.77
C GLU A 109 19.17 0.56 5.64
N ILE A 110 18.60 1.76 5.91
CA ILE A 110 17.85 2.53 4.92
C ILE A 110 18.79 3.01 3.80
N ASP A 111 20.02 3.44 4.14
CA ASP A 111 21.00 3.89 3.16
C ASP A 111 21.41 2.73 2.24
N ALA A 112 21.51 1.50 2.82
CA ALA A 112 21.83 0.27 2.09
C ALA A 112 20.76 -0.05 1.06
N THR A 113 19.46 0.06 1.45
CA THR A 113 18.30 -0.19 0.60
C THR A 113 18.27 0.82 -0.55
N VAL A 114 18.67 2.08 -0.27
CA VAL A 114 18.73 3.16 -1.26
C VAL A 114 19.78 2.79 -2.32
N GLN A 115 20.96 2.29 -1.88
CA GLN A 115 22.06 1.84 -2.73
C GLN A 115 21.61 0.70 -3.65
N GLN A 116 20.96 -0.34 -3.05
CA GLN A 116 20.43 -1.50 -3.77
C GLN A 116 19.40 -1.10 -4.81
N LEU A 117 18.63 -0.03 -4.52
CA LEU A 117 17.62 0.51 -5.43
C LEU A 117 18.28 1.23 -6.60
N ASP A 118 19.47 1.82 -6.38
CA ASP A 118 20.24 2.50 -7.44
C ASP A 118 20.78 1.45 -8.42
N LEU A 119 21.07 0.22 -7.93
CA LEU A 119 21.56 -0.92 -8.72
C LEU A 119 20.53 -1.35 -9.76
N CYS A 120 19.24 -1.07 -9.51
CA CYS A 120 18.12 -1.38 -10.41
C CYS A 120 18.10 -0.47 -11.65
N PHE A 121 19.01 0.53 -11.72
CA PHE A 121 19.13 1.46 -12.85
C PHE A 121 20.46 1.29 -13.58
N GLY A 122 20.38 1.20 -14.91
CA GLY A 122 21.54 1.07 -15.78
C GLY A 122 22.03 2.42 -16.24
N ASP A 123 21.63 2.82 -17.48
CA ASP A 123 21.97 4.11 -18.10
C ASP A 123 20.85 4.71 -18.97
N ARG A 124 20.02 3.85 -19.60
CA ARG A 124 18.90 4.28 -20.46
C ARG A 124 17.64 4.59 -19.64
N VAL A 125 16.71 5.40 -20.23
CA VAL A 125 15.42 5.81 -19.66
C VAL A 125 14.48 4.62 -19.35
N ASP A 126 14.62 3.50 -20.07
CA ASP A 126 13.77 2.31 -19.92
C ASP A 126 14.51 1.07 -19.36
N ASP A 127 15.86 1.13 -19.23
CA ASP A 127 16.68 0.06 -18.67
C ASP A 127 16.59 0.11 -17.13
N VAL A 128 15.58 -0.62 -16.57
CA VAL A 128 15.28 -0.66 -15.13
C VAL A 128 14.58 -1.97 -14.69
N ASP A 129 15.16 -2.67 -13.69
CA ASP A 129 14.62 -3.92 -13.12
C ASP A 129 13.31 -3.62 -12.37
N PHE A 130 12.20 -3.62 -13.12
CA PHE A 130 10.84 -3.34 -12.66
C PHE A 130 10.38 -4.25 -11.49
N ASP A 131 10.79 -5.52 -11.50
CA ASP A 131 10.44 -6.50 -10.47
C ASP A 131 11.31 -6.37 -9.21
N GLY A 132 12.60 -6.15 -9.41
CA GLY A 132 13.58 -6.00 -8.32
C GLY A 132 13.41 -4.72 -7.54
N TYR A 133 12.99 -3.62 -8.23
CA TYR A 133 12.73 -2.30 -7.66
C TYR A 133 11.57 -2.38 -6.67
N ALA A 134 10.35 -2.72 -7.17
CA ALA A 134 9.11 -2.84 -6.40
C ALA A 134 9.25 -3.62 -5.09
N ALA A 135 10.06 -4.70 -5.09
CA ALA A 135 10.32 -5.52 -3.92
C ALA A 135 11.16 -4.76 -2.89
N LEU A 136 12.19 -4.01 -3.37
CA LEU A 136 13.11 -3.19 -2.54
C LEU A 136 12.43 -1.91 -2.04
N ASN A 137 11.59 -1.31 -2.91
CA ASN A 137 10.79 -0.11 -2.66
C ASN A 137 9.92 -0.37 -1.44
N ARG A 138 9.26 -1.53 -1.40
CA ARG A 138 8.45 -1.93 -0.26
C ARG A 138 9.30 -2.06 1.01
N ILE A 139 10.60 -2.44 0.88
CA ILE A 139 11.52 -2.57 2.03
C ILE A 139 11.82 -1.18 2.59
N PHE A 140 12.10 -0.21 1.70
CA PHE A 140 12.38 1.19 2.04
C PHE A 140 11.28 1.78 2.90
N HIS A 141 10.04 1.70 2.40
CA HIS A 141 8.84 2.24 3.02
C HIS A 141 8.58 1.65 4.41
N HIS A 142 8.96 0.37 4.60
CA HIS A 142 8.83 -0.31 5.88
C HIS A 142 9.89 0.21 6.82
N GLN A 143 11.12 0.43 6.31
CA GLN A 143 12.23 0.94 7.10
C GLN A 143 11.94 2.35 7.58
N LEU A 144 11.42 3.22 6.68
CA LEU A 144 11.05 4.62 6.94
C LEU A 144 9.96 4.71 8.01
N ALA A 145 9.00 3.78 7.97
CA ALA A 145 7.91 3.70 8.93
C ALA A 145 8.45 3.48 10.35
N ALA A 146 9.50 2.65 10.49
CA ALA A 146 10.10 2.32 11.78
C ALA A 146 11.31 3.19 12.15
N LEU A 147 11.83 3.98 11.18
CA LEU A 147 13.03 4.83 11.25
C LEU A 147 13.09 5.79 12.45
N CYS A 148 11.99 6.44 12.81
CA CYS A 148 11.99 7.38 13.94
C CYS A 148 12.09 6.70 15.32
N GLY A 149 12.07 5.37 15.31
CA GLY A 149 12.16 4.55 16.52
C GLY A 149 10.86 4.16 17.17
N SER A 150 9.80 5.00 17.04
CA SER A 150 8.48 4.76 17.64
C SER A 150 7.74 3.63 16.96
N GLU A 151 7.20 2.74 17.82
CA GLU A 151 6.43 1.59 17.40
C GLU A 151 5.05 2.07 16.96
N MET A 152 4.38 2.88 17.80
CA MET A 152 3.06 3.48 17.55
C MET A 152 3.02 4.14 16.15
N ILE A 153 4.10 4.86 15.78
CA ILE A 153 4.24 5.49 14.48
C ILE A 153 4.33 4.43 13.40
N ARG A 154 5.26 3.45 13.53
CA ARG A 154 5.42 2.35 12.56
C ARG A 154 4.08 1.70 12.31
N ARG A 155 3.40 1.30 13.38
CA ARG A 155 2.09 0.67 13.35
C ARG A 155 1.11 1.51 12.53
N GLU A 156 0.94 2.82 12.88
CA GLU A 156 -0.02 3.68 12.19
C GLU A 156 0.35 4.02 10.78
N VAL A 157 1.65 4.16 10.49
CA VAL A 157 2.14 4.44 9.14
C VAL A 157 1.83 3.20 8.26
N GLU A 158 2.15 1.99 8.79
CA GLU A 158 1.89 0.77 8.01
C GLU A 158 0.42 0.59 7.74
N ARG A 159 -0.45 1.01 8.68
CA ARG A 159 -1.89 0.90 8.48
C ARG A 159 -2.35 1.81 7.34
N ALA A 160 -1.86 3.07 7.26
CA ALA A 160 -2.23 3.97 6.17
C ALA A 160 -1.79 3.43 4.80
N SER A 161 -0.81 2.51 4.77
CA SER A 161 -0.29 1.85 3.57
C SER A 161 -0.82 0.38 3.54
N SER A 162 -1.95 0.12 4.23
CA SER A 162 -2.55 -1.22 4.32
C SER A 162 -3.46 -1.59 3.18
N LEU A 163 -4.38 -0.67 2.76
CA LEU A 163 -5.33 -0.99 1.69
C LEU A 163 -4.61 -1.37 0.38
N PRO A 164 -5.19 -2.22 -0.50
CA PRO A 164 -4.45 -2.66 -1.71
C PRO A 164 -3.95 -1.56 -2.65
N PHE A 165 -4.76 -0.50 -2.84
CA PHE A 165 -4.40 0.66 -3.66
C PHE A 165 -3.55 1.66 -2.86
N ALA A 166 -3.58 1.57 -1.52
CA ALA A 166 -2.82 2.44 -0.63
C ALA A 166 -1.34 2.05 -0.61
N SER A 167 -1.03 0.74 -0.69
CA SER A 167 0.31 0.13 -0.67
C SER A 167 1.39 0.92 -1.41
N PRO A 168 2.68 0.91 -0.97
CA PRO A 168 3.72 1.68 -1.68
C PRO A 168 3.93 1.19 -3.13
N SER A 169 4.25 -0.11 -3.30
CA SER A 169 4.45 -0.72 -4.63
C SER A 169 3.15 -1.32 -5.18
N ALA A 170 2.07 -0.53 -5.17
CA ALA A 170 0.78 -0.95 -5.67
C ALA A 170 0.67 -0.63 -7.14
N PHE A 171 1.22 0.54 -7.53
CA PHE A 171 1.22 1.03 -8.91
C PHE A 171 2.51 0.61 -9.64
N LEU A 172 2.98 -0.62 -9.34
CA LEU A 172 4.15 -1.28 -9.92
C LEU A 172 3.88 -2.77 -10.30
N PRO A 173 2.72 -3.13 -10.93
CA PRO A 173 2.51 -4.53 -11.32
C PRO A 173 3.33 -4.91 -12.56
N ASP A 174 3.50 -6.22 -12.79
CA ASP A 174 4.28 -6.81 -13.90
C ASP A 174 3.88 -6.30 -15.30
N LYS A 175 2.55 -6.13 -15.56
CA LYS A 175 1.98 -5.68 -16.85
C LYS A 175 2.11 -4.18 -17.11
N ALA A 176 2.02 -3.33 -16.05
CA ALA A 176 2.15 -1.87 -16.16
C ALA A 176 3.64 -1.45 -16.33
N ASN A 177 4.37 -2.27 -17.11
CA ASN A 177 5.80 -2.17 -17.44
C ASN A 177 6.06 -1.18 -18.61
N ILE A 178 5.04 -0.39 -19.03
CA ILE A 178 5.10 0.59 -20.14
C ILE A 178 6.07 1.76 -19.81
N GLY A 179 6.52 2.47 -20.85
CA GLY A 179 7.44 3.60 -20.78
C GLY A 179 7.05 4.80 -19.93
N ALA A 180 5.73 4.98 -19.67
CA ALA A 180 5.22 6.10 -18.85
C ALA A 180 5.37 5.88 -17.34
N PHE A 181 5.76 4.66 -16.92
CA PHE A 181 5.97 4.30 -15.51
C PHE A 181 7.39 3.84 -15.20
N ARG A 182 8.13 3.30 -16.20
CA ARG A 182 9.52 2.88 -16.01
C ARG A 182 10.50 4.07 -16.15
N ARG A 183 9.96 5.26 -16.49
CA ARG A 183 10.69 6.51 -16.60
C ARG A 183 10.48 7.34 -15.31
N SER A 184 9.25 7.32 -14.75
CA SER A 184 8.87 8.01 -13.50
C SER A 184 9.73 7.54 -12.32
N LEU A 185 10.08 6.23 -12.29
CA LEU A 185 10.87 5.56 -11.25
C LEU A 185 12.25 6.14 -11.01
N ARG A 186 12.88 6.70 -12.05
CA ARG A 186 14.19 7.34 -11.94
C ARG A 186 14.10 8.50 -10.95
N GLY A 187 13.01 9.28 -11.08
CA GLY A 187 12.68 10.42 -10.21
C GLY A 187 12.25 10.02 -8.83
N ALA A 188 11.54 8.88 -8.69
CA ALA A 188 11.08 8.37 -7.40
C ALA A 188 12.26 7.92 -6.55
N GLN A 189 13.35 7.49 -7.20
CA GLN A 189 14.56 7.09 -6.50
C GLN A 189 15.23 8.33 -5.90
N GLU A 190 15.15 9.47 -6.62
CA GLU A 190 15.68 10.75 -6.14
C GLU A 190 14.93 11.20 -4.88
N GLN A 191 13.58 10.99 -4.87
CA GLN A 191 12.71 11.30 -3.74
C GLN A 191 13.10 10.45 -2.54
N HIS A 192 13.41 9.15 -2.77
CA HIS A 192 13.88 8.22 -1.74
C HIS A 192 15.19 8.73 -1.13
N LYS A 193 16.13 9.21 -1.98
CA LYS A 193 17.43 9.75 -1.56
C LYS A 193 17.21 11.00 -0.71
N ALA A 194 16.34 11.90 -1.21
CA ALA A 194 15.97 13.18 -0.60
C ALA A 194 15.40 12.99 0.78
N ILE A 195 14.48 12.00 0.94
CA ILE A 195 13.84 11.68 2.21
C ILE A 195 14.93 11.42 3.26
N VAL A 196 15.85 10.48 2.95
CA VAL A 196 16.94 10.10 3.85
C VAL A 196 17.89 11.26 4.09
N ALA A 197 18.32 11.94 3.01
CA ALA A 197 19.22 13.07 3.09
C ALA A 197 18.71 14.18 4.02
N ALA A 198 17.38 14.45 4.02
CA ALA A 198 16.74 15.46 4.87
C ALA A 198 16.73 14.97 6.33
N ILE A 199 16.39 13.67 6.54
CA ILE A 199 16.36 13.04 7.87
CA ILE A 199 16.36 13.04 7.87
C ILE A 199 17.72 13.20 8.55
N VAL A 200 18.81 12.88 7.81
CA VAL A 200 20.20 12.97 8.27
C VAL A 200 20.52 14.43 8.63
N ALA A 201 20.10 15.36 7.77
CA ALA A 201 20.30 16.81 7.92
C ALA A 201 19.37 17.47 8.94
N ARG A 202 18.49 16.69 9.60
CA ARG A 202 17.51 17.14 10.61
C ARG A 202 16.55 18.19 10.03
N GLU A 203 16.34 18.11 8.72
CA GLU A 203 15.47 18.98 7.94
C GLU A 203 14.08 18.33 7.92
N GLY A 204 13.31 18.63 8.97
CA GLY A 204 11.98 18.09 9.17
C GLY A 204 11.00 18.45 8.08
N ALA A 205 10.93 19.78 7.78
CA ALA A 205 10.08 20.37 6.75
C ALA A 205 10.29 19.64 5.43
N ARG A 206 11.55 19.62 4.94
CA ARG A 206 11.93 18.95 3.70
C ARG A 206 11.56 17.47 3.71
N ALA A 207 11.85 16.76 4.82
CA ALA A 207 11.55 15.32 4.96
C ALA A 207 10.06 15.02 4.73
N GLU A 208 9.18 15.69 5.50
CA GLU A 208 7.75 15.53 5.38
C GLU A 208 7.31 15.90 3.96
N ALA A 209 7.73 17.07 3.48
CA ALA A 209 7.38 17.60 2.16
C ALA A 209 7.64 16.61 1.04
N VAL A 210 8.87 16.05 0.99
CA VAL A 210 9.26 15.07 -0.03
C VAL A 210 8.49 13.76 0.14
N ALA A 211 8.37 13.24 1.37
CA ALA A 211 7.63 12.00 1.62
C ALA A 211 6.17 12.07 1.18
N ARG A 212 5.57 13.26 1.26
CA ARG A 212 4.19 13.49 0.83
C ARG A 212 4.13 13.50 -0.67
N GLU A 213 5.03 14.29 -1.29
CA GLU A 213 5.12 14.44 -2.73
C GLU A 213 5.43 13.10 -3.42
N HIS A 214 6.07 12.19 -2.68
CA HIS A 214 6.41 10.87 -3.17
C HIS A 214 5.14 10.06 -3.39
N SER A 215 4.21 10.04 -2.41
CA SER A 215 2.94 9.32 -2.54
C SER A 215 2.11 9.89 -3.70
N ARG A 216 2.21 11.21 -3.96
CA ARG A 216 1.51 11.86 -5.07
C ARG A 216 1.90 11.23 -6.45
N THR A 217 3.07 10.55 -6.54
CA THR A 217 3.56 9.81 -7.73
C THR A 217 2.51 8.75 -8.12
N ALA A 218 1.97 8.01 -7.11
CA ALA A 218 0.93 7.00 -7.31
C ALA A 218 -0.36 7.63 -7.83
N ARG A 219 -0.84 8.72 -7.21
CA ARG A 219 -2.05 9.43 -7.67
C ARG A 219 -1.86 9.86 -9.12
N THR A 220 -0.64 10.32 -9.46
CA THR A 220 -0.23 10.73 -10.80
C THR A 220 -0.32 9.52 -11.76
N ASN A 221 0.30 8.39 -11.38
CA ASN A 221 0.28 7.16 -12.16
C ASN A 221 -1.13 6.62 -12.40
N LEU A 222 -1.97 6.58 -11.35
CA LEU A 222 -3.35 6.11 -11.44
C LEU A 222 -4.16 6.98 -12.42
N GLU A 223 -3.98 8.32 -12.36
CA GLU A 223 -4.68 9.28 -13.23
C GLU A 223 -4.31 9.13 -14.71
N TYR A 224 -3.13 8.52 -15.01
CA TYR A 224 -2.67 8.21 -16.38
C TYR A 224 -3.28 6.87 -16.84
N MET A 225 -3.44 5.91 -15.92
CA MET A 225 -4.04 4.61 -16.23
C MET A 225 -5.50 4.77 -16.63
N ILE A 226 -6.22 5.73 -16.02
CA ILE A 226 -7.62 6.06 -16.33
C ILE A 226 -7.75 6.64 -17.76
N ARG A 227 -6.97 7.70 -18.04
CA ARG A 227 -6.96 8.45 -19.30
C ARG A 227 -6.24 7.77 -20.49
N GLU A 228 -5.39 6.75 -20.25
CA GLU A 228 -4.62 6.11 -21.33
C GLU A 228 -4.75 4.58 -21.44
N ALA A 229 -5.21 3.86 -20.38
CA ALA A 229 -5.38 2.41 -20.45
C ALA A 229 -6.59 1.88 -19.61
N PRO A 230 -7.87 2.28 -19.93
CA PRO A 230 -9.01 1.83 -19.12
C PRO A 230 -9.20 0.32 -18.94
N GLU A 231 -8.47 -0.52 -19.71
CA GLU A 231 -8.53 -1.99 -19.59
C GLU A 231 -7.45 -2.52 -18.62
N LEU A 232 -6.32 -1.78 -18.48
CA LEU A 232 -5.23 -2.11 -17.54
C LEU A 232 -5.64 -1.76 -16.07
N ILE A 233 -6.88 -1.22 -15.88
CA ILE A 233 -7.50 -0.88 -14.60
C ILE A 233 -7.58 -2.15 -13.75
N ALA A 234 -8.00 -3.28 -14.36
CA ALA A 234 -8.11 -4.59 -13.69
C ALA A 234 -6.77 -5.14 -13.17
N GLN A 235 -5.63 -4.78 -13.81
CA GLN A 235 -4.28 -5.25 -13.49
C GLN A 235 -3.76 -4.83 -12.09
N VAL A 236 -4.02 -3.58 -11.66
CA VAL A 236 -3.56 -3.06 -10.36
C VAL A 236 -4.06 -3.96 -9.21
N PRO A 237 -3.15 -4.40 -8.28
CA PRO A 237 -3.60 -5.27 -7.17
C PRO A 237 -4.72 -4.60 -6.37
N GLY A 238 -5.94 -5.09 -6.59
CA GLY A 238 -7.14 -4.57 -5.94
C GLY A 238 -7.52 -3.18 -6.41
N LEU A 239 -7.89 -3.08 -7.68
CA LEU A 239 -8.39 -1.84 -8.27
C LEU A 239 -9.65 -2.24 -9.02
N ALA A 240 -9.85 -3.56 -9.16
CA ALA A 240 -11.00 -4.18 -9.80
C ALA A 240 -12.28 -3.93 -9.00
N LEU A 241 -12.17 -3.84 -7.66
CA LEU A 241 -13.27 -3.64 -6.72
C LEU A 241 -13.85 -2.20 -6.72
N ILE A 242 -13.26 -1.28 -7.51
CA ILE A 242 -13.69 0.12 -7.58
C ILE A 242 -15.04 0.25 -8.30
N SER A 243 -16.02 0.90 -7.63
CA SER A 243 -17.39 1.14 -8.11
C SER A 243 -17.56 2.55 -8.76
N ASP A 244 -16.77 2.81 -9.83
CA ASP A 244 -16.76 4.06 -10.61
C ASP A 244 -16.65 3.78 -12.11
#